data_6X8O
#
_entry.id   6X8O
#
_cell.length_a   37.560
_cell.length_b   37.560
_cell.length_c   128.480
_cell.angle_alpha   90.000
_cell.angle_beta   90.000
_cell.angle_gamma   120.000
#
_symmetry.space_group_name_H-M   'P 31 2 1'
#
loop_
_entity.id
_entity.type
_entity.pdbx_description
1 polymer 'Bcl-2-like protein 11'
2 non-polymer 'THIOCYANATE ION'
3 water water
#
_entity_poly.entity_id   1
_entity_poly.type   'polypeptide(L)'
_entity_poly.pdbx_seq_one_letter_code
;DMRPEIWIAQELRRIGDEFNAYYARR(NH2)
;
_entity_poly.pdbx_strand_id   A,B,C,D
#
# COMPACT_ATOMS: atom_id res chain seq x y z
N ASP A 1 3.65 -16.30 -6.46
CA ASP A 1 3.31 -15.90 -7.83
C ASP A 1 3.68 -14.43 -8.04
N MET A 2 4.63 -14.17 -8.94
CA MET A 2 5.09 -12.83 -9.20
C MET A 2 4.31 -12.14 -10.30
N ARG A 3 3.29 -12.78 -10.85
CA ARG A 3 2.45 -12.09 -11.81
C ARG A 3 1.75 -10.93 -11.12
N PRO A 4 1.66 -9.76 -11.76
CA PRO A 4 1.41 -8.53 -11.00
C PRO A 4 0.07 -8.47 -10.29
N GLU A 5 -1.00 -9.02 -10.88
N GLU A 5 -1.01 -8.96 -10.92
CA GLU A 5 -2.32 -8.91 -10.26
CA GLU A 5 -2.31 -8.94 -10.26
C GLU A 5 -2.45 -9.77 -9.01
C GLU A 5 -2.22 -9.62 -8.91
N ILE A 6 -1.63 -10.81 -8.88
CA ILE A 6 -1.54 -11.59 -7.65
CA ILE A 6 -1.57 -11.56 -7.63
C ILE A 6 -0.60 -10.91 -6.65
N TRP A 7 0.61 -10.59 -7.11
CA TRP A 7 1.63 -10.07 -6.22
C TRP A 7 1.23 -8.73 -5.60
N ILE A 8 0.70 -7.81 -6.40
CA ILE A 8 0.27 -6.52 -5.83
C ILE A 8 -0.79 -6.73 -4.76
N ALA A 9 -1.79 -7.57 -5.04
CA ALA A 9 -2.83 -7.82 -4.06
C ALA A 9 -2.28 -8.43 -2.78
N GLN A 10 -1.27 -9.30 -2.90
N GLN A 10 -1.29 -9.33 -2.91
CA GLN A 10 -0.69 -9.92 -1.71
CA GLN A 10 -0.66 -9.93 -1.74
C GLN A 10 0.13 -8.93 -0.89
C GLN A 10 0.08 -8.89 -0.90
N GLU A 11 0.83 -8.00 -1.55
CA GLU A 11 1.56 -6.98 -0.80
C GLU A 11 0.60 -6.06 -0.05
N LEU A 12 -0.55 -5.74 -0.66
CA LEU A 12 -1.52 -4.90 0.02
C LEU A 12 -2.09 -5.61 1.24
N ARG A 13 -2.37 -6.91 1.14
CA ARG A 13 -2.84 -7.62 2.31
C ARG A 13 -1.78 -7.71 3.40
N ARG A 14 -0.51 -7.87 3.01
CA ARG A 14 0.57 -7.90 4.00
C ARG A 14 0.63 -6.57 4.76
N ILE A 15 0.59 -5.45 4.05
CA ILE A 15 0.63 -4.15 4.72
C ILE A 15 -0.55 -4.00 5.66
N GLY A 16 -1.75 -4.34 5.20
CA GLY A 16 -2.92 -4.14 6.03
C GLY A 16 -2.95 -5.05 7.25
N ASP A 17 -2.56 -6.32 7.05
CA ASP A 17 -2.55 -7.28 8.15
C ASP A 17 -1.50 -6.92 9.18
N GLU A 18 -0.31 -6.53 8.73
CA GLU A 18 0.72 -6.17 9.69
CA GLU A 18 0.74 -6.15 9.68
C GLU A 18 0.36 -4.91 10.46
N PHE A 19 -0.30 -3.95 9.81
CA PHE A 19 -0.75 -2.78 10.56
C PHE A 19 -1.74 -3.17 11.65
N ASN A 20 -2.76 -3.95 11.30
CA ASN A 20 -3.79 -4.28 12.27
C ASN A 20 -3.23 -5.07 13.44
N ALA A 21 -2.29 -5.99 13.16
CA ALA A 21 -1.69 -6.75 14.25
C ALA A 21 -0.87 -5.85 15.16
N TYR A 22 -0.11 -4.93 14.58
CA TYR A 22 0.63 -3.95 15.38
C TYR A 22 -0.30 -3.10 16.23
N TYR A 23 -1.37 -2.58 15.61
CA TYR A 23 -2.20 -1.61 16.33
C TYR A 23 -2.96 -2.26 17.48
N ALA A 24 -3.34 -3.54 17.31
CA ALA A 24 -3.94 -4.29 18.41
C ALA A 24 -2.96 -4.44 19.57
N ARG A 25 -1.69 -4.71 19.27
CA ARG A 25 -0.68 -4.82 20.32
C ARG A 25 -0.40 -3.47 20.95
N ARG A 26 -0.39 -2.41 20.14
CA ARG A 26 -0.09 -1.08 20.63
C ARG A 26 -1.19 -0.61 21.58
N ASP B 1 10.04 5.90 18.33
CA ASP B 1 9.59 6.59 17.13
C ASP B 1 8.36 7.43 17.47
N MET B 2 8.41 8.72 17.16
CA MET B 2 7.36 9.64 17.54
CA MET B 2 7.36 9.64 17.54
C MET B 2 6.28 9.81 16.48
N ARG B 3 6.42 9.19 15.32
CA ARG B 3 5.45 9.43 14.26
C ARG B 3 4.10 8.83 14.64
N PRO B 4 3.01 9.55 14.38
CA PRO B 4 1.68 8.95 14.50
C PRO B 4 1.42 7.94 13.41
N GLU B 5 0.53 7.00 13.70
CA GLU B 5 0.20 5.96 12.72
C GLU B 5 -0.32 6.52 11.41
N ILE B 6 -0.93 7.71 11.42
CA ILE B 6 -1.40 8.29 10.17
C ILE B 6 -0.27 8.55 9.18
N TRP B 7 0.99 8.56 9.61
CA TRP B 7 2.06 8.69 8.61
C TRP B 7 2.00 7.57 7.58
N ILE B 8 1.50 6.40 7.99
CA ILE B 8 1.35 5.26 7.10
C ILE B 8 0.26 5.53 6.07
N ALA B 9 -0.89 6.05 6.51
CA ALA B 9 -1.95 6.43 5.57
C ALA B 9 -1.48 7.51 4.61
N GLN B 10 -0.76 8.51 5.12
CA GLN B 10 -0.27 9.58 4.26
C GLN B 10 0.71 9.05 3.23
N GLU B 11 1.56 8.10 3.63
CA GLU B 11 2.51 7.53 2.68
C GLU B 11 1.80 6.65 1.65
N LEU B 12 0.79 5.89 2.08
CA LEU B 12 0.01 5.11 1.12
C LEU B 12 -0.71 6.01 0.11
N ARG B 13 -1.21 7.17 0.56
CA ARG B 13 -1.79 8.12 -0.38
C ARG B 13 -0.75 8.64 -1.37
N ARG B 14 0.44 9.01 -0.87
CA ARG B 14 1.49 9.54 -1.73
C ARG B 14 1.92 8.52 -2.78
N ILE B 15 2.19 7.28 -2.35
N ILE B 15 2.17 7.28 -2.35
CA ILE B 15 2.61 6.27 -3.31
CA ILE B 15 2.61 6.27 -3.30
C ILE B 15 1.48 5.90 -4.25
C ILE B 15 1.49 5.87 -4.24
N GLY B 16 0.24 5.85 -3.75
CA GLY B 16 -0.89 5.59 -4.62
C GLY B 16 -1.03 6.66 -5.69
N ASP B 17 -0.66 7.90 -5.38
CA ASP B 17 -0.64 8.97 -6.38
C ASP B 17 0.40 8.69 -7.46
N GLU B 18 1.57 8.15 -7.08
CA GLU B 18 2.57 7.76 -8.07
C GLU B 18 2.03 6.65 -8.98
N PHE B 19 1.37 5.65 -8.39
CA PHE B 19 0.82 4.59 -9.24
C PHE B 19 -0.22 5.16 -10.20
N ASN B 20 -1.07 6.05 -9.68
CA ASN B 20 -2.10 6.69 -10.48
C ASN B 20 -1.50 7.45 -11.66
N ALA B 21 -0.42 8.19 -11.43
CA ALA B 21 0.22 8.93 -12.52
C ALA B 21 0.78 7.98 -13.57
N TYR B 22 1.35 6.86 -13.13
CA TYR B 22 1.87 5.85 -14.04
C TYR B 22 0.77 5.23 -14.90
N TYR B 23 -0.38 4.88 -14.29
CA TYR B 23 -1.49 4.35 -15.08
C TYR B 23 -1.91 5.33 -16.17
N ALA B 24 -1.97 6.61 -15.83
CA ALA B 24 -2.46 7.59 -16.80
C ALA B 24 -1.49 7.79 -17.96
N ARG B 25 -0.19 7.57 -17.72
CA ARG B 25 0.74 7.62 -18.84
C ARG B 25 0.59 6.42 -19.77
N ARG B 26 -0.07 5.37 -19.31
CA ARG B 26 -0.16 4.12 -20.07
C ARG B 26 -1.58 3.81 -20.54
N ASP C 1 -12.69 9.85 7.40
CA ASP C 1 -12.27 9.55 8.77
C ASP C 1 -10.76 9.35 8.77
N MET C 2 -10.05 10.23 9.48
CA MET C 2 -8.60 10.19 9.51
C MET C 2 -8.06 9.32 10.63
N ARG C 3 -8.91 8.66 11.41
CA ARG C 3 -8.39 7.75 12.41
C ARG C 3 -7.72 6.57 11.71
N PRO C 4 -6.55 6.15 12.19
CA PRO C 4 -5.64 5.40 11.31
C PRO C 4 -6.15 4.06 10.84
N GLU C 5 -6.92 3.33 11.65
N GLU C 5 -6.85 3.31 11.69
CA GLU C 5 -7.35 1.98 11.26
CA GLU C 5 -7.37 2.02 11.28
C GLU C 5 -8.42 2.00 10.16
C GLU C 5 -8.20 2.16 10.02
N ILE C 6 -9.14 3.10 10.02
CA ILE C 6 -10.05 3.29 8.89
CA ILE C 6 -10.05 3.24 8.88
CA ILE C 6 -10.03 3.20 8.87
C ILE C 6 -9.31 3.84 7.67
N TRP C 7 -8.53 4.89 7.90
CA TRP C 7 -7.85 5.57 6.80
C TRP C 7 -6.86 4.65 6.09
N ILE C 8 -6.05 3.90 6.84
CA ILE C 8 -5.10 2.99 6.22
C ILE C 8 -5.81 1.96 5.36
N ALA C 9 -6.87 1.36 5.90
CA ALA C 9 -7.63 0.36 5.14
C ALA C 9 -8.22 0.96 3.88
N GLN C 10 -8.71 2.20 3.96
CA GLN C 10 -9.28 2.83 2.77
CA GLN C 10 -9.28 2.86 2.78
C GLN C 10 -8.21 3.11 1.72
N GLU C 11 -7.01 3.55 2.13
CA GLU C 11 -5.96 3.80 1.15
C GLU C 11 -5.53 2.50 0.46
N LEU C 12 -5.45 1.40 1.23
CA LEU C 12 -5.09 0.12 0.62
C LEU C 12 -6.12 -0.30 -0.43
N ARG C 13 -7.41 -0.10 -0.15
CA ARG C 13 -8.43 -0.42 -1.14
C ARG C 13 -8.34 0.49 -2.36
N ARG C 14 -8.02 1.77 -2.15
CA ARG C 14 -7.85 2.68 -3.30
C ARG C 14 -6.73 2.19 -4.20
N ILE C 15 -5.59 1.81 -3.62
CA ILE C 15 -4.46 1.33 -4.41
C ILE C 15 -4.86 0.08 -5.20
N GLY C 16 -5.45 -0.89 -4.50
CA GLY C 16 -5.79 -2.14 -5.15
C GLY C 16 -6.84 -1.97 -6.23
N ASP C 17 -7.88 -1.17 -5.93
CA ASP C 17 -8.95 -0.95 -6.89
C ASP C 17 -8.43 -0.23 -8.13
N GLU C 18 -7.58 0.78 -7.94
CA GLU C 18 -7.07 1.53 -9.09
C GLU C 18 -6.15 0.67 -9.94
N PHE C 19 -5.35 -0.20 -9.31
CA PHE C 19 -4.55 -1.11 -10.12
C PHE C 19 -5.42 -2.01 -10.96
N ASN C 20 -6.44 -2.62 -10.35
CA ASN C 20 -7.28 -3.57 -11.08
C ASN C 20 -8.00 -2.88 -12.24
N ALA C 21 -8.50 -1.66 -12.02
CA ALA C 21 -9.18 -0.94 -13.09
C ALA C 21 -8.20 -0.63 -14.22
N TYR C 22 -6.99 -0.20 -13.87
CA TYR C 22 -5.97 0.06 -14.88
C TYR C 22 -5.64 -1.22 -15.66
N TYR C 23 -5.46 -2.34 -14.96
CA TYR C 23 -4.98 -3.54 -15.64
C TYR C 23 -6.03 -4.13 -16.56
N ALA C 24 -7.31 -4.03 -16.17
CA ALA C 24 -8.40 -4.46 -17.05
C ALA C 24 -8.45 -3.60 -18.31
N ARG C 25 -8.22 -2.29 -18.19
N ARG C 25 -8.27 -2.28 -18.16
CA ARG C 25 -8.19 -1.44 -19.37
CA ARG C 25 -8.15 -1.39 -19.32
C ARG C 25 -6.97 -1.70 -20.24
C ARG C 25 -7.01 -1.83 -20.22
N ARG C 26 -5.86 -2.08 -19.61
CA ARG C 26 -4.62 -2.36 -20.33
C ARG C 26 -4.72 -3.63 -21.15
N ASP D 1 4.94 5.71 -17.88
CA ASP D 1 6.25 5.32 -18.41
C ASP D 1 6.27 3.84 -18.82
N MET D 2 7.45 3.29 -19.10
CA MET D 2 7.53 1.91 -19.56
CA MET D 2 7.60 1.92 -19.58
C MET D 2 7.93 0.93 -18.47
N ARG D 3 7.88 1.35 -17.22
CA ARG D 3 8.22 0.43 -16.14
C ARG D 3 7.28 -0.78 -16.16
N PRO D 4 7.81 -1.92 -15.78
CA PRO D 4 6.98 -3.10 -15.55
C PRO D 4 5.98 -2.87 -14.42
N GLU D 5 4.79 -3.50 -14.52
CA GLU D 5 3.80 -3.35 -13.46
C GLU D 5 4.31 -3.81 -12.10
N ILE D 6 5.23 -4.79 -12.07
CA ILE D 6 5.75 -5.26 -10.79
C ILE D 6 6.57 -4.21 -10.05
N TRP D 7 6.91 -3.07 -10.67
CA TRP D 7 7.51 -2.00 -9.88
C TRP D 7 6.60 -1.60 -8.73
N ILE D 8 5.28 -1.72 -8.95
CA ILE D 8 4.31 -1.39 -7.91
C ILE D 8 4.44 -2.36 -6.74
N ALA D 9 4.51 -3.67 -7.03
CA ALA D 9 4.67 -4.67 -5.96
C ALA D 9 5.99 -4.46 -5.23
N GLN D 10 7.07 -4.19 -5.97
CA GLN D 10 8.37 -3.97 -5.34
C GLN D 10 8.36 -2.74 -4.44
N GLU D 11 7.68 -1.67 -4.87
CA GLU D 11 7.60 -0.47 -4.04
C GLU D 11 6.73 -0.70 -2.81
N LEU D 12 5.62 -1.44 -2.96
CA LEU D 12 4.80 -1.76 -1.81
C LEU D 12 5.59 -2.60 -0.80
N ARG D 13 6.43 -3.52 -1.29
CA ARG D 13 7.28 -4.28 -0.37
C ARG D 13 8.25 -3.37 0.36
N ARG D 14 8.88 -2.43 -0.35
CA ARG D 14 9.84 -1.53 0.28
C ARG D 14 9.18 -0.68 1.35
N ILE D 15 8.03 -0.09 1.02
CA ILE D 15 7.35 0.74 2.02
CA ILE D 15 7.34 0.75 2.00
C ILE D 15 6.80 -0.10 3.16
N GLY D 16 6.29 -1.30 2.86
CA GLY D 16 5.86 -2.20 3.93
C GLY D 16 6.99 -2.56 4.87
N ASP D 17 8.22 -2.66 4.36
CA ASP D 17 9.37 -2.88 5.23
C ASP D 17 9.61 -1.69 6.14
N GLU D 18 9.43 -0.47 5.62
CA GLU D 18 9.54 0.72 6.49
C GLU D 18 8.47 0.69 7.57
N PHE D 19 7.23 0.31 7.21
CA PHE D 19 6.18 0.25 8.22
C PHE D 19 6.54 -0.78 9.30
N ASN D 20 7.04 -1.94 8.88
CA ASN D 20 7.42 -2.96 9.85
CA ASN D 20 7.44 -2.97 9.82
C ASN D 20 8.52 -2.49 10.79
N ALA D 21 9.50 -1.74 10.27
CA ALA D 21 10.55 -1.22 11.14
C ALA D 21 9.97 -0.22 12.14
N TYR D 22 8.98 0.57 11.70
CA TYR D 22 8.28 1.46 12.61
C TYR D 22 7.54 0.69 13.70
N TYR D 23 6.83 -0.39 13.35
CA TYR D 23 6.14 -1.16 14.38
C TYR D 23 7.12 -1.69 15.43
N ALA D 24 8.30 -2.12 14.98
CA ALA D 24 9.28 -2.64 15.94
C ALA D 24 9.78 -1.56 16.90
N ARG D 25 9.90 -0.33 16.42
CA ARG D 25 10.29 0.77 17.32
C ARG D 25 9.20 1.10 18.31
N ARG D 26 7.94 0.84 17.96
CA ARG D 26 6.78 1.25 18.74
C ARG D 26 6.31 0.13 19.67
#